data_3DPT
#
_entry.id   3DPT
#
_cell.length_a   130.112
_cell.length_b   130.112
_cell.length_c   129.199
_cell.angle_alpha   90.00
_cell.angle_beta   90.00
_cell.angle_gamma   120.00
#
_symmetry.space_group_name_H-M   'P 32 2 1'
#
_entity_poly.entity_id   1
_entity_poly.type   'polypeptide(L)'
_entity_poly.pdbx_seq_one_letter_code
;SAVLHPDSIYGTPLAPSWIKVKEKLVEATTAQRYLNRTEVEKICNDSGITDPGERKTLLGYLNNLGIVLYFEALDLSEIY
VLDPHWVTIGVYRIINSSKTKNGHLNTSALGYILNEEQIRCDEYDPAKNNKFTYTLLEQRYLLDIMKQFELCYDEGKGLF
IIPSNLPTQIDNEPEITEGEPLRFIMKYDYLPSTIIPRLMIAMQHQILDRMQWRYGMVLKSQDHEGALAKVVAETKDSTI
TIAIQGEPRCKREYLSIIWYEIKKINANFTNLDVKEFIPLPGHPDELVEYKELLGLEKMGRDEYVSGKLEKVFSVSKMLD
SVISKEERNKER
;
_entity_poly.pdbx_strand_id   A,B
#
# COMPACT_ATOMS: atom_id res chain seq x y z
N SER A 17 16.41 -32.81 6.93
CA SER A 17 16.21 -31.89 5.77
C SER A 17 15.79 -30.47 6.21
N TRP A 18 14.59 -30.35 6.79
CA TRP A 18 14.10 -29.04 7.26
C TRP A 18 14.93 -28.47 8.43
N ILE A 19 15.26 -29.33 9.39
CA ILE A 19 16.21 -28.98 10.46
C ILE A 19 17.54 -28.44 9.91
N LYS A 20 18.19 -29.20 9.03
CA LYS A 20 19.46 -28.76 8.45
C LYS A 20 19.32 -27.40 7.75
N VAL A 21 18.23 -27.24 6.98
CA VAL A 21 18.00 -25.98 6.27
C VAL A 21 17.82 -24.82 7.23
N LYS A 22 16.99 -25.02 8.25
CA LYS A 22 16.80 -24.02 9.30
C LYS A 22 18.16 -23.61 9.89
N GLU A 23 18.94 -24.60 10.34
CA GLU A 23 20.25 -24.32 10.94
C GLU A 23 21.21 -23.63 9.97
N LYS A 24 21.27 -24.12 8.73
CA LYS A 24 22.15 -23.55 7.73
C LYS A 24 21.77 -22.09 7.47
N LEU A 25 20.46 -21.82 7.36
CA LEU A 25 19.98 -20.47 7.09
C LEU A 25 20.20 -19.51 8.25
N VAL A 26 19.99 -19.98 9.47
CA VAL A 26 20.28 -19.18 10.66
C VAL A 26 21.75 -18.84 10.73
N GLU A 27 22.63 -19.85 10.62
CA GLU A 27 24.08 -19.63 10.67
C GLU A 27 24.55 -18.57 9.65
N ALA A 28 24.01 -18.65 8.43
CA ALA A 28 24.41 -17.76 7.34
C ALA A 28 23.90 -16.32 7.52
N THR A 29 22.60 -16.18 7.78
CA THR A 29 21.98 -14.88 8.02
C THR A 29 22.57 -14.20 9.25
N THR A 30 23.03 -14.98 10.22
CA THR A 30 23.78 -14.42 11.32
C THR A 30 25.12 -13.85 10.82
N ALA A 31 25.92 -14.69 10.14
CA ALA A 31 27.28 -14.30 9.72
C ALA A 31 27.24 -13.15 8.72
N GLN A 32 26.75 -13.42 7.52
CA GLN A 32 26.34 -12.36 6.60
C GLN A 32 25.14 -11.70 7.26
N ARG A 33 24.78 -10.49 6.88
CA ARG A 33 23.63 -9.89 7.54
C ARG A 33 22.31 -10.32 6.90
N TYR A 34 22.40 -10.72 5.63
CA TYR A 34 21.26 -11.26 4.88
C TYR A 34 21.80 -12.02 3.67
N LEU A 35 20.93 -12.80 3.02
CA LEU A 35 21.34 -13.62 1.90
C LEU A 35 20.54 -13.27 0.65
N ASN A 36 21.15 -13.50 -0.51
CA ASN A 36 20.45 -13.32 -1.77
C ASN A 36 19.80 -14.62 -2.28
N ARG A 37 18.89 -14.47 -3.24
CA ARG A 37 18.14 -15.59 -3.79
C ARG A 37 18.98 -16.86 -4.12
N THR A 38 20.04 -16.71 -4.91
CA THR A 38 20.86 -17.86 -5.32
C THR A 38 21.58 -18.50 -4.11
N GLU A 39 22.02 -17.67 -3.18
CA GLU A 39 22.61 -18.15 -1.92
C GLU A 39 21.62 -19.01 -1.14
N VAL A 40 20.38 -18.56 -1.08
CA VAL A 40 19.32 -19.28 -0.38
C VAL A 40 18.97 -20.58 -1.10
N GLU A 41 18.78 -20.50 -2.41
CA GLU A 41 18.48 -21.70 -3.20
C GLU A 41 19.55 -22.76 -3.03
N LYS A 42 20.82 -22.36 -3.06
CA LYS A 42 21.94 -23.29 -2.87
C LYS A 42 21.80 -24.03 -1.56
N ILE A 43 21.48 -23.28 -0.51
CA ILE A 43 21.34 -23.84 0.83
C ILE A 43 20.22 -24.87 0.86
N CYS A 44 19.11 -24.55 0.19
CA CYS A 44 18.00 -25.47 0.06
C CYS A 44 18.38 -26.73 -0.70
N ASN A 45 19.01 -26.57 -1.86
CA ASN A 45 19.45 -27.71 -2.67
C ASN A 45 20.39 -28.60 -1.88
N ASP A 46 21.43 -28.00 -1.30
CA ASP A 46 22.37 -28.71 -0.45
C ASP A 46 21.67 -29.53 0.64
N SER A 47 20.61 -28.97 1.21
CA SER A 47 19.89 -29.63 2.30
C SER A 47 18.72 -30.49 1.83
N GLY A 48 18.65 -30.73 0.53
CA GLY A 48 17.67 -31.67 -0.03
C GLY A 48 16.44 -31.05 -0.66
N ILE A 49 16.05 -29.87 -0.19
CA ILE A 49 14.83 -29.21 -0.66
C ILE A 49 15.03 -28.56 -2.04
N THR A 50 14.60 -29.27 -3.08
CA THR A 50 14.84 -28.86 -4.46
C THR A 50 13.62 -28.20 -5.10
N ASP A 51 12.44 -28.63 -4.67
CA ASP A 51 11.18 -28.17 -5.24
C ASP A 51 10.93 -26.68 -5.00
N PRO A 52 10.73 -25.90 -6.08
CA PRO A 52 10.44 -24.47 -5.95
C PRO A 52 9.25 -24.21 -5.05
N GLY A 53 8.22 -25.05 -5.18
CA GLY A 53 7.00 -24.93 -4.39
C GLY A 53 7.29 -25.03 -2.91
N GLU A 54 7.78 -26.20 -2.50
CA GLU A 54 8.11 -26.47 -1.11
C GLU A 54 8.99 -25.37 -0.50
N ARG A 55 10.06 -25.03 -1.20
CA ARG A 55 11.00 -24.00 -0.78
C ARG A 55 10.32 -22.70 -0.37
N LYS A 56 9.40 -22.20 -1.19
CA LYS A 56 8.69 -20.95 -0.91
C LYS A 56 7.86 -21.04 0.39
N THR A 57 7.21 -22.18 0.60
CA THR A 57 6.39 -22.35 1.81
C THR A 57 7.26 -22.54 3.06
N LEU A 58 8.38 -23.26 2.93
CA LEU A 58 9.36 -23.36 4.01
C LEU A 58 9.80 -21.98 4.50
N LEU A 59 10.15 -21.10 3.56
CA LEU A 59 10.55 -19.73 3.89
C LEU A 59 9.39 -18.93 4.46
N GLY A 60 8.17 -19.25 4.04
CA GLY A 60 6.97 -18.62 4.60
C GLY A 60 6.90 -18.90 6.09
N TYR A 61 7.17 -20.14 6.47
CA TYR A 61 7.01 -20.57 7.84
C TYR A 61 8.14 -20.10 8.74
N LEU A 62 9.34 -20.10 8.22
CA LEU A 62 10.49 -19.57 8.95
C LEU A 62 10.22 -18.11 9.30
N ASN A 63 9.66 -17.39 8.34
CA ASN A 63 9.28 -16.01 8.53
C ASN A 63 8.20 -15.87 9.59
N ASN A 64 7.11 -16.63 9.45
CA ASN A 64 6.04 -16.63 10.43
C ASN A 64 6.47 -16.97 11.85
N LEU A 65 7.55 -17.73 11.97
CA LEU A 65 8.03 -18.14 13.29
C LEU A 65 9.15 -17.23 13.78
N GLY A 66 9.48 -16.20 12.98
CA GLY A 66 10.52 -15.22 13.30
C GLY A 66 11.93 -15.77 13.44
N ILE A 67 12.19 -16.89 12.79
CA ILE A 67 13.50 -17.54 12.83
C ILE A 67 14.43 -16.87 11.83
N VAL A 68 13.89 -16.68 10.62
CA VAL A 68 14.59 -16.04 9.52
C VAL A 68 13.54 -15.23 8.76
N LEU A 69 13.86 -13.99 8.38
CA LEU A 69 12.83 -13.09 7.80
C LEU A 69 12.77 -13.14 6.28
N TYR A 70 11.55 -13.05 5.74
CA TYR A 70 11.30 -13.23 4.31
C TYR A 70 10.04 -12.45 3.87
N PHE A 71 10.19 -11.49 2.97
CA PHE A 71 9.08 -10.57 2.63
C PHE A 71 8.56 -10.77 1.22
N GLU A 72 7.51 -11.57 1.10
CA GLU A 72 6.92 -11.92 -0.20
C GLU A 72 6.35 -10.69 -0.94
N ALA A 73 6.09 -9.61 -0.21
CA ALA A 73 5.61 -8.38 -0.82
C ALA A 73 6.74 -7.48 -1.34
N LEU A 74 7.97 -7.69 -0.87
CA LEU A 74 9.12 -7.02 -1.43
C LEU A 74 9.83 -7.95 -2.43
N ASP A 75 10.16 -9.16 -1.98
CA ASP A 75 10.60 -10.23 -2.88
C ASP A 75 11.77 -9.82 -3.78
N LEU A 76 12.86 -9.41 -3.15
CA LEU A 76 13.99 -8.83 -3.89
C LEU A 76 15.20 -9.77 -3.85
N SER A 77 15.70 -10.13 -5.03
CA SER A 77 16.78 -11.11 -5.12
C SER A 77 18.02 -10.78 -4.30
N GLU A 78 18.47 -9.53 -4.37
CA GLU A 78 19.62 -9.05 -3.60
C GLU A 78 19.44 -9.16 -2.08
N ILE A 79 18.24 -8.87 -1.58
CA ILE A 79 17.94 -8.90 -0.13
C ILE A 79 16.73 -9.81 0.11
N TYR A 80 16.98 -11.11 0.11
CA TYR A 80 15.93 -12.12 -0.01
C TYR A 80 15.48 -12.71 1.34
N VAL A 81 16.44 -13.22 2.10
CA VAL A 81 16.18 -13.76 3.42
C VAL A 81 17.08 -12.99 4.39
N LEU A 82 16.54 -12.60 5.53
CA LEU A 82 17.21 -11.67 6.44
C LEU A 82 17.35 -12.20 7.87
N ASP A 83 18.38 -11.71 8.56
CA ASP A 83 18.54 -11.95 10.00
C ASP A 83 17.53 -11.10 10.78
N PRO A 84 16.69 -11.75 11.60
CA PRO A 84 15.71 -10.98 12.40
C PRO A 84 16.40 -9.85 13.16
N HIS A 85 17.51 -10.20 13.81
CA HIS A 85 18.26 -9.28 14.64
C HIS A 85 18.71 -8.00 13.90
N TRP A 86 19.19 -8.17 12.67
CA TRP A 86 19.69 -7.05 11.87
C TRP A 86 18.56 -6.08 11.57
N VAL A 87 17.41 -6.61 11.16
CA VAL A 87 16.21 -5.81 10.93
C VAL A 87 15.75 -5.11 12.23
N THR A 88 15.59 -5.89 13.29
CA THR A 88 15.08 -5.39 14.57
C THR A 88 15.89 -4.20 15.11
N ILE A 89 17.19 -4.36 15.23
CA ILE A 89 18.05 -3.23 15.64
C ILE A 89 17.87 -2.03 14.71
N GLY A 90 17.81 -2.27 13.40
CA GLY A 90 17.54 -1.20 12.44
C GLY A 90 16.30 -0.38 12.76
N VAL A 91 15.13 -1.02 12.81
CA VAL A 91 13.89 -0.29 13.01
C VAL A 91 13.78 0.30 14.42
N TYR A 92 14.35 -0.38 15.41
CA TYR A 92 14.38 0.10 16.79
C TYR A 92 15.15 1.41 16.87
N ARG A 93 16.29 1.46 16.18
CA ARG A 93 17.10 2.67 16.09
C ARG A 93 16.30 3.81 15.48
N ILE A 94 15.55 3.51 14.42
CA ILE A 94 14.69 4.52 13.78
C ILE A 94 13.59 5.00 14.73
N ILE A 95 12.91 4.07 15.39
CA ILE A 95 11.82 4.39 16.28
C ILE A 95 12.31 5.14 17.52
N ASN A 96 13.51 4.82 18.00
CA ASN A 96 14.03 5.39 19.25
C ASN A 96 15.08 6.49 19.10
N SER A 97 15.27 6.96 17.88
CA SER A 97 16.18 8.07 17.63
C SER A 97 15.64 9.36 18.23
N SER A 98 16.56 10.22 18.67
CA SER A 98 16.19 11.55 19.15
C SER A 98 15.52 12.36 18.04
N LYS A 99 15.88 12.08 16.79
CA LYS A 99 15.37 12.81 15.64
C LYS A 99 13.97 12.37 15.20
N THR A 100 13.37 11.41 15.91
CA THR A 100 12.01 10.94 15.60
C THR A 100 11.11 10.90 16.84
N LYS A 101 11.55 11.59 17.89
CA LYS A 101 10.85 11.62 19.19
C LYS A 101 9.49 12.30 19.12
N ASN A 102 9.25 13.03 18.05
CA ASN A 102 7.99 13.75 17.87
C ASN A 102 7.16 13.25 16.69
N GLY A 103 7.56 12.11 16.14
CA GLY A 103 6.81 11.45 15.08
C GLY A 103 7.17 11.90 13.68
N HIS A 104 8.23 12.69 13.56
CA HIS A 104 8.69 13.11 12.25
C HIS A 104 10.05 12.49 11.95
N LEU A 105 10.19 11.92 10.76
CA LEU A 105 11.46 11.39 10.30
C LEU A 105 11.86 12.05 9.00
N ASN A 106 12.99 12.75 9.02
CA ASN A 106 13.65 13.18 7.79
C ASN A 106 14.42 12.02 7.18
N THR A 107 14.16 11.70 5.92
CA THR A 107 14.81 10.55 5.29
C THR A 107 16.30 10.81 5.03
N SER A 108 16.66 12.08 4.91
CA SER A 108 18.07 12.44 4.76
C SER A 108 18.85 12.06 6.02
N ALA A 109 18.21 12.22 7.18
CA ALA A 109 18.83 11.87 8.48
C ALA A 109 19.00 10.37 8.73
N LEU A 110 18.41 9.53 7.90
CA LEU A 110 18.51 8.08 8.04
C LEU A 110 19.95 7.58 8.23
N GLY A 111 20.89 8.12 7.48
CA GLY A 111 22.28 7.72 7.58
C GLY A 111 22.77 7.86 9.00
N TYR A 112 22.69 9.09 9.50
CA TYR A 112 23.05 9.44 10.87
C TYR A 112 22.39 8.51 11.90
N ILE A 113 21.05 8.50 11.91
CA ILE A 113 20.26 7.69 12.83
C ILE A 113 20.68 6.23 12.91
N LEU A 114 20.89 5.61 11.76
CA LEU A 114 21.18 4.20 11.69
C LEU A 114 22.64 3.87 11.95
N ASN A 115 23.53 4.82 11.70
CA ASN A 115 24.98 4.55 11.70
C ASN A 115 25.83 5.32 12.71
N GLU A 116 25.44 6.57 12.99
CA GLU A 116 26.24 7.47 13.79
C GLU A 116 25.70 7.71 15.19
N GLU A 117 24.38 7.84 15.33
CA GLU A 117 23.75 8.23 16.60
C GLU A 117 23.99 7.23 17.75
N GLN A 118 24.20 7.77 18.95
CA GLN A 118 24.37 6.95 20.15
C GLN A 118 23.01 6.70 20.80
N ILE A 119 22.37 5.59 20.44
CA ILE A 119 21.04 5.22 20.94
C ILE A 119 21.14 4.09 21.97
N ARG A 120 20.65 4.36 23.19
CA ARG A 120 20.70 3.37 24.27
C ARG A 120 19.62 2.29 24.14
N LYS A 131 27.45 -2.50 16.52
CA LYS A 131 28.31 -2.19 15.39
C LYS A 131 27.71 -2.79 14.10
N PHE A 132 26.52 -2.32 13.76
CA PHE A 132 25.81 -2.71 12.55
C PHE A 132 25.77 -1.53 11.59
N THR A 133 26.35 -1.70 10.41
CA THR A 133 26.27 -0.68 9.36
C THR A 133 25.03 -0.90 8.48
N TYR A 134 24.57 0.18 7.84
CA TYR A 134 23.43 0.13 6.92
C TYR A 134 23.68 1.01 5.71
N THR A 135 23.83 0.40 4.53
CA THR A 135 24.10 1.12 3.29
C THR A 135 22.84 1.83 2.83
N LEU A 136 22.95 2.68 1.82
CA LEU A 136 21.80 3.44 1.32
C LEU A 136 20.60 2.54 0.97
N LEU A 137 20.82 1.50 0.16
CA LEU A 137 19.75 0.57 -0.16
C LEU A 137 19.22 -0.22 1.04
N GLU A 138 20.12 -0.61 1.94
CA GLU A 138 19.69 -1.29 3.16
C GLU A 138 18.81 -0.39 4.01
N GLN A 139 19.16 0.89 4.10
CA GLN A 139 18.32 1.90 4.76
C GLN A 139 16.95 1.94 4.09
N ARG A 140 16.94 1.99 2.76
CA ARG A 140 15.70 2.00 2.02
C ARG A 140 14.84 0.75 2.26
N TYR A 141 15.47 -0.40 2.30
CA TYR A 141 14.76 -1.64 2.58
C TYR A 141 14.11 -1.61 3.96
N LEU A 142 14.84 -1.14 4.97
CA LEU A 142 14.28 -1.00 6.30
C LEU A 142 13.01 -0.16 6.26
N LEU A 143 13.04 0.95 5.52
CA LEU A 143 11.86 1.80 5.40
C LEU A 143 10.68 1.04 4.82
N ASP A 144 10.94 0.26 3.77
CA ASP A 144 9.89 -0.57 3.20
C ASP A 144 9.30 -1.56 4.20
N ILE A 145 10.15 -2.18 5.03
CA ILE A 145 9.67 -3.11 6.04
C ILE A 145 8.72 -2.35 6.95
N MET A 146 9.16 -1.16 7.37
CA MET A 146 8.36 -0.31 8.24
C MET A 146 7.00 0.05 7.63
N LYS A 147 6.99 0.46 6.36
CA LYS A 147 5.74 0.75 5.68
C LYS A 147 4.88 -0.50 5.62
N GLN A 148 5.48 -1.57 5.15
CA GLN A 148 4.89 -2.89 5.16
C GLN A 148 4.20 -3.24 6.49
N PHE A 149 4.87 -3.03 7.63
CA PHE A 149 4.23 -3.26 8.94
C PHE A 149 3.31 -2.14 9.39
N GLU A 150 3.06 -1.17 8.52
CA GLU A 150 2.18 -0.02 8.81
C GLU A 150 2.63 0.82 10.02
N LEU A 151 3.95 1.00 10.17
CA LEU A 151 4.50 1.82 11.25
C LEU A 151 4.81 3.27 10.88
N CYS A 152 4.79 3.60 9.58
CA CYS A 152 5.04 4.96 9.11
C CYS A 152 4.46 5.20 7.70
N TYR A 153 4.51 6.44 7.23
CA TYR A 153 4.15 6.75 5.84
C TYR A 153 4.84 8.03 5.35
N ASP A 154 4.82 8.22 4.03
CA ASP A 154 5.45 9.35 3.37
C ASP A 154 4.47 10.52 3.30
N GLU A 155 4.77 11.61 3.99
CA GLU A 155 3.93 12.79 3.86
C GLU A 155 4.24 13.47 2.53
N GLY A 156 5.48 13.32 2.08
CA GLY A 156 5.77 13.55 0.70
C GLY A 156 6.68 14.71 0.34
N LYS A 157 7.60 15.07 1.22
CA LYS A 157 8.69 15.99 0.84
C LYS A 157 9.94 15.62 1.61
N GLY A 158 10.21 14.31 1.64
CA GLY A 158 11.30 13.75 2.41
C GLY A 158 10.97 13.62 3.89
N LEU A 159 9.70 13.77 4.24
CA LEU A 159 9.31 13.70 5.64
C LEU A 159 8.34 12.55 5.89
N PHE A 160 8.81 11.54 6.60
CA PHE A 160 7.94 10.45 6.99
C PHE A 160 7.25 10.79 8.30
N ILE A 161 6.10 10.17 8.55
CA ILE A 161 5.45 10.29 9.85
C ILE A 161 5.38 8.93 10.53
N ILE A 162 5.86 8.88 11.78
CA ILE A 162 5.79 7.66 12.57
C ILE A 162 4.71 7.86 13.63
N PRO A 163 3.44 7.55 13.29
CA PRO A 163 2.30 7.88 14.16
C PRO A 163 2.46 7.49 15.63
N SER A 164 3.07 6.34 15.92
CA SER A 164 3.20 5.91 17.32
C SER A 164 4.11 6.86 18.11
N ASN A 165 5.03 7.53 17.42
CA ASN A 165 5.92 8.53 18.02
C ASN A 165 5.37 9.95 18.11
N LEU A 166 4.14 10.17 17.69
CA LEU A 166 3.56 11.51 17.75
C LEU A 166 3.36 11.95 19.20
N PRO A 167 3.34 13.28 19.46
CA PRO A 167 3.07 13.75 20.83
C PRO A 167 1.69 13.32 21.31
N THR A 168 1.50 13.17 22.62
CA THR A 168 0.19 12.75 23.14
C THR A 168 -0.82 13.88 23.10
N GLN A 169 -0.32 15.12 23.06
CA GLN A 169 -1.20 16.28 22.94
C GLN A 169 -0.68 17.26 21.90
N ILE A 170 -1.61 17.85 21.17
CA ILE A 170 -1.27 18.92 20.25
C ILE A 170 -1.96 20.22 20.72
N ASP A 171 -1.23 21.33 20.65
CA ASP A 171 -1.71 22.58 21.25
C ASP A 171 -2.95 23.17 20.57
N ASN A 172 -2.95 23.17 19.24
CA ASN A 172 -4.04 23.75 18.46
C ASN A 172 -5.22 22.79 18.18
N GLU A 173 -5.36 21.78 19.03
CA GLU A 173 -6.42 20.76 18.89
C GLU A 173 -7.82 21.38 18.89
N PRO A 174 -8.52 21.35 17.73
CA PRO A 174 -9.82 22.00 17.66
C PRO A 174 -10.94 21.18 18.30
N GLU A 175 -12.08 21.84 18.54
CA GLU A 175 -13.30 21.19 19.02
C GLU A 175 -14.30 21.13 17.88
N ILE A 176 -15.06 20.04 17.84
CA ILE A 176 -16.16 19.93 16.89
C ILE A 176 -17.42 20.38 17.62
N THR A 177 -17.87 21.59 17.31
CA THR A 177 -19.02 22.19 18.01
C THR A 177 -20.01 22.97 17.14
N GLU A 178 -19.62 23.24 15.89
CA GLU A 178 -20.50 23.90 14.91
C GLU A 178 -21.73 23.06 14.53
N GLY A 179 -22.86 23.75 14.32
CA GLY A 179 -24.16 23.13 14.09
C GLY A 179 -24.49 22.15 15.20
N GLU A 180 -25.22 21.09 14.86
CA GLU A 180 -25.38 19.96 15.77
C GLU A 180 -24.47 18.81 15.32
N PRO A 181 -23.26 18.73 15.92
CA PRO A 181 -22.29 17.75 15.48
C PRO A 181 -22.82 16.33 15.61
N LEU A 182 -22.37 15.47 14.72
CA LEU A 182 -22.73 14.07 14.71
C LEU A 182 -21.63 13.29 15.42
N ARG A 183 -22.00 12.58 16.49
CA ARG A 183 -21.06 11.78 17.27
C ARG A 183 -21.41 10.30 17.17
N PHE A 184 -20.39 9.47 17.11
CA PHE A 184 -20.53 8.04 16.88
C PHE A 184 -19.39 7.42 17.66
N ILE A 185 -19.72 6.52 18.57
CA ILE A 185 -18.68 5.90 19.38
C ILE A 185 -18.58 4.39 19.20
N MET A 186 -17.35 3.91 19.11
CA MET A 186 -17.04 2.51 18.94
C MET A 186 -16.32 1.99 20.17
N LYS A 187 -16.95 1.04 20.84
CA LYS A 187 -16.46 0.47 22.08
C LYS A 187 -15.76 -0.86 21.80
N TYR A 188 -14.50 -0.96 22.19
CA TYR A 188 -13.71 -2.17 21.98
C TYR A 188 -13.58 -2.97 23.27
N ASP A 189 -13.62 -4.28 23.16
CA ASP A 189 -13.32 -5.16 24.27
C ASP A 189 -11.82 -5.01 24.62
N TYR A 190 -10.96 -5.07 23.60
CA TYR A 190 -9.56 -4.63 23.69
C TYR A 190 -9.36 -3.63 22.54
N LEU A 191 -8.68 -2.52 22.81
CA LEU A 191 -8.42 -1.54 21.75
C LEU A 191 -6.92 -1.53 21.36
N PRO A 192 -6.56 -2.20 20.25
CA PRO A 192 -5.16 -2.25 19.86
C PRO A 192 -4.63 -0.85 19.64
N SER A 193 -3.40 -0.57 20.08
CA SER A 193 -2.84 0.78 19.97
C SER A 193 -2.43 1.11 18.53
N THR A 194 -2.72 0.20 17.60
CA THR A 194 -2.28 0.33 16.22
C THR A 194 -3.37 0.96 15.38
N ILE A 195 -4.58 1.02 15.92
CA ILE A 195 -5.72 1.46 15.12
C ILE A 195 -5.60 2.91 14.64
N ILE A 196 -5.36 3.84 15.56
CA ILE A 196 -5.10 5.22 15.18
C ILE A 196 -3.94 5.36 14.15
N PRO A 197 -2.75 4.79 14.45
CA PRO A 197 -1.71 4.89 13.43
C PRO A 197 -2.14 4.37 12.06
N ARG A 198 -3.00 3.36 12.03
CA ARG A 198 -3.40 2.75 10.77
C ARG A 198 -4.45 3.55 10.02
N LEU A 199 -5.29 4.27 10.76
CA LEU A 199 -6.27 5.15 10.17
C LEU A 199 -5.55 6.33 9.54
N MET A 200 -4.60 6.90 10.28
CA MET A 200 -3.72 7.94 9.75
C MET A 200 -3.12 7.52 8.41
N ILE A 201 -2.61 6.30 8.32
CA ILE A 201 -2.12 5.79 7.04
C ILE A 201 -3.22 5.78 5.98
N ALA A 202 -4.38 5.22 6.33
CA ALA A 202 -5.50 5.08 5.39
C ALA A 202 -6.05 6.41 4.91
N MET A 203 -5.87 7.46 5.71
CA MET A 203 -6.50 8.75 5.45
C MET A 203 -5.55 9.94 5.53
N GLN A 204 -4.27 9.64 5.28
CA GLN A 204 -3.19 10.61 5.32
C GLN A 204 -3.47 11.87 4.52
N HIS A 205 -4.16 11.72 3.39
CA HIS A 205 -4.38 12.84 2.50
C HIS A 205 -5.46 13.77 3.00
N GLN A 206 -6.23 13.35 4.01
CA GLN A 206 -7.31 14.17 4.53
C GLN A 206 -7.05 14.68 5.94
N ILE A 207 -5.86 14.40 6.47
CA ILE A 207 -5.45 14.98 7.75
C ILE A 207 -5.13 16.47 7.53
N LEU A 208 -5.77 17.34 8.30
CA LEU A 208 -5.87 18.77 7.97
C LEU A 208 -4.53 19.48 7.96
N ASP A 209 -4.10 20.02 9.10
CA ASP A 209 -2.87 20.82 9.11
C ASP A 209 -1.82 20.20 10.02
N ARG A 210 -1.55 18.92 9.80
CA ARG A 210 -0.71 18.17 10.72
C ARG A 210 -1.40 18.14 12.09
N MET A 211 -2.74 18.15 12.05
CA MET A 211 -3.52 18.00 13.27
C MET A 211 -3.65 16.50 13.57
N GLN A 212 -2.55 15.93 14.04
CA GLN A 212 -2.42 14.50 14.33
C GLN A 212 -1.62 14.34 15.62
N TRP A 213 -2.14 13.54 16.54
CA TRP A 213 -1.43 13.24 17.77
C TRP A 213 -1.53 11.74 18.02
N ARG A 214 -0.89 11.25 19.09
CA ARG A 214 -0.84 9.82 19.36
C ARG A 214 -2.22 9.17 19.41
N TYR A 215 -3.20 9.91 19.91
CA TYR A 215 -4.53 9.34 20.15
C TYR A 215 -5.61 9.90 19.23
N GLY A 216 -5.23 10.57 18.15
CA GLY A 216 -6.25 11.10 17.27
C GLY A 216 -5.79 11.99 16.14
N MET A 217 -6.77 12.38 15.33
CA MET A 217 -6.52 13.17 14.13
C MET A 217 -7.71 14.07 13.80
N VAL A 218 -7.49 15.06 12.95
CA VAL A 218 -8.58 15.86 12.39
C VAL A 218 -8.63 15.64 10.89
N LEU A 219 -9.83 15.36 10.37
CA LEU A 219 -10.01 15.12 8.94
C LEU A 219 -10.93 16.12 8.26
N LYS A 220 -10.46 16.73 7.17
CA LYS A 220 -11.33 17.48 6.25
C LYS A 220 -11.65 16.63 5.02
N SER A 221 -12.94 16.55 4.67
CA SER A 221 -13.37 15.75 3.53
C SER A 221 -13.11 16.48 2.23
N GLN A 222 -12.85 15.72 1.17
CA GLN A 222 -12.57 16.29 -0.15
C GLN A 222 -13.84 16.46 -0.98
N ASP A 223 -14.89 15.74 -0.62
CA ASP A 223 -16.10 15.63 -1.43
C ASP A 223 -17.31 16.33 -0.81
N HIS A 224 -17.41 16.26 0.51
CA HIS A 224 -18.55 16.81 1.25
C HIS A 224 -18.20 18.21 1.78
N GLU A 225 -18.31 19.22 0.90
CA GLU A 225 -17.97 20.62 1.21
C GLU A 225 -18.41 20.99 2.64
N GLY A 226 -17.49 21.58 3.40
CA GLY A 226 -17.66 21.68 4.85
C GLY A 226 -17.08 20.41 5.42
N ALA A 227 -17.84 19.75 6.29
CA ALA A 227 -17.47 18.45 6.89
C ALA A 227 -16.05 18.36 7.51
N LEU A 228 -15.97 18.63 8.82
CA LEU A 228 -14.73 18.47 9.57
C LEU A 228 -14.96 17.40 10.64
N ALA A 229 -14.12 16.36 10.64
CA ALA A 229 -14.23 15.27 11.61
C ALA A 229 -13.07 15.26 12.58
N LYS A 230 -13.31 14.71 13.76
CA LYS A 230 -12.25 14.51 14.74
C LYS A 230 -12.38 13.11 15.27
N VAL A 231 -11.34 12.30 15.09
CA VAL A 231 -11.37 10.90 15.50
C VAL A 231 -10.41 10.71 16.66
N VAL A 232 -10.91 10.20 17.79
CA VAL A 232 -10.11 10.11 19.01
C VAL A 232 -10.19 8.74 19.67
N ALA A 233 -9.04 8.26 20.10
CA ALA A 233 -8.97 7.06 20.92
C ALA A 233 -8.80 7.47 22.37
N GLU A 234 -9.61 6.86 23.22
CA GLU A 234 -9.51 7.01 24.66
C GLU A 234 -9.11 5.65 25.24
N THR A 235 -7.86 5.51 25.66
CA THR A 235 -7.38 4.24 26.23
C THR A 235 -8.20 3.78 27.45
N LYS A 236 -8.34 4.65 28.44
CA LYS A 236 -9.08 4.31 29.68
C LYS A 236 -10.41 3.58 29.40
N ASP A 237 -11.31 4.16 28.60
CA ASP A 237 -12.54 3.44 28.27
C ASP A 237 -12.49 2.69 26.94
N SER A 238 -11.29 2.28 26.53
CA SER A 238 -11.00 1.59 25.25
C SER A 238 -12.05 1.87 24.15
N THR A 239 -12.04 3.12 23.71
CA THR A 239 -13.08 3.66 22.88
C THR A 239 -12.49 4.44 21.69
N ILE A 240 -13.22 4.46 20.59
CA ILE A 240 -12.87 5.34 19.47
C ILE A 240 -14.08 6.18 19.13
N THR A 241 -13.91 7.49 19.22
CA THR A 241 -15.02 8.39 19.03
C THR A 241 -14.81 9.22 17.77
N ILE A 242 -15.83 9.21 16.92
CA ILE A 242 -15.88 10.06 15.73
C ILE A 242 -16.89 11.19 15.99
N ALA A 243 -16.45 12.44 15.87
CA ALA A 243 -17.35 13.59 15.99
C ALA A 243 -17.21 14.44 14.73
N ILE A 244 -18.34 14.76 14.09
CA ILE A 244 -18.33 15.45 12.80
C ILE A 244 -19.24 16.69 12.76
N GLN A 245 -18.82 17.73 12.04
CA GLN A 245 -19.63 18.93 11.90
C GLN A 245 -19.84 19.33 10.44
N GLY A 246 -20.99 19.95 10.15
CA GLY A 246 -21.36 20.38 8.80
C GLY A 246 -22.84 20.14 8.55
N GLU A 247 -23.33 20.51 7.36
CA GLU A 247 -24.73 20.26 6.95
C GLU A 247 -25.03 18.76 7.04
N PRO A 248 -26.32 18.38 7.25
CA PRO A 248 -26.60 17.00 7.72
C PRO A 248 -26.20 15.87 6.77
N ARG A 249 -26.52 15.98 5.48
CA ARG A 249 -26.11 14.97 4.48
C ARG A 249 -24.60 14.73 4.52
N CYS A 250 -23.83 15.81 4.64
CA CYS A 250 -22.38 15.76 4.78
C CYS A 250 -21.84 14.94 5.94
N LYS A 251 -22.31 15.24 7.16
CA LYS A 251 -21.74 14.60 8.35
C LYS A 251 -22.00 13.12 8.26
N ARG A 252 -23.16 12.79 7.72
CA ARG A 252 -23.61 11.44 7.52
C ARG A 252 -22.70 10.70 6.53
N GLU A 253 -22.37 11.37 5.43
CA GLU A 253 -21.56 10.77 4.37
C GLU A 253 -20.10 10.55 4.75
N TYR A 254 -19.52 11.45 5.55
CA TYR A 254 -18.14 11.29 5.99
C TYR A 254 -18.04 10.20 7.06
N LEU A 255 -18.99 10.20 8.00
CA LEU A 255 -19.08 9.13 9.00
C LEU A 255 -19.02 7.76 8.30
N SER A 256 -19.84 7.61 7.28
CA SER A 256 -19.84 6.40 6.46
C SER A 256 -18.43 6.00 6.02
N ILE A 257 -17.71 6.97 5.43
CA ILE A 257 -16.35 6.75 4.95
C ILE A 257 -15.38 6.38 6.08
N ILE A 258 -15.41 7.16 7.16
CA ILE A 258 -14.49 6.95 8.29
C ILE A 258 -14.74 5.60 8.95
N TRP A 259 -16.00 5.25 9.13
CA TRP A 259 -16.39 3.99 9.75
C TRP A 259 -15.92 2.81 8.94
N TYR A 260 -16.08 2.93 7.63
CA TYR A 260 -15.63 1.93 6.65
C TYR A 260 -14.13 1.70 6.77
N GLU A 261 -13.38 2.79 6.89
CA GLU A 261 -11.94 2.72 7.04
C GLU A 261 -11.52 2.01 8.33
N ILE A 262 -12.25 2.26 9.41
CA ILE A 262 -11.99 1.60 10.69
C ILE A 262 -12.36 0.12 10.65
N LYS A 263 -13.43 -0.23 9.94
CA LYS A 263 -13.85 -1.62 9.83
C LYS A 263 -12.80 -2.43 9.11
N LYS A 264 -12.16 -1.83 8.10
CA LYS A 264 -11.07 -2.50 7.39
C LYS A 264 -9.93 -2.85 8.32
N ILE A 265 -9.47 -1.85 9.06
CA ILE A 265 -8.42 -2.04 10.04
C ILE A 265 -8.81 -3.11 11.07
N ASN A 266 -10.05 -3.06 11.53
CA ASN A 266 -10.54 -4.02 12.52
C ASN A 266 -10.54 -5.46 12.01
N ALA A 267 -10.82 -5.64 10.72
CA ALA A 267 -10.90 -6.98 10.14
C ALA A 267 -9.59 -7.73 10.22
N ASN A 268 -8.52 -7.04 10.59
CA ASN A 268 -7.21 -7.66 10.68
C ASN A 268 -7.00 -8.41 12.00
N PHE A 269 -7.91 -8.19 12.95
CA PHE A 269 -7.80 -8.75 14.29
C PHE A 269 -8.80 -9.88 14.52
N THR A 270 -8.36 -10.95 15.19
CA THR A 270 -9.15 -12.17 15.31
C THR A 270 -10.36 -12.04 16.24
N ASN A 271 -10.11 -11.89 17.53
CA ASN A 271 -11.20 -11.91 18.51
C ASN A 271 -11.58 -10.51 18.99
N LEU A 272 -11.80 -9.60 18.04
CA LEU A 272 -12.23 -8.23 18.37
C LEU A 272 -13.72 -8.13 18.51
N ASP A 273 -14.14 -7.55 19.63
CA ASP A 273 -15.53 -7.39 19.92
C ASP A 273 -15.81 -5.89 19.89
N VAL A 274 -16.30 -5.38 18.77
CA VAL A 274 -16.68 -3.96 18.70
C VAL A 274 -18.19 -3.82 18.66
N LYS A 275 -18.71 -2.96 19.54
CA LYS A 275 -20.11 -2.56 19.55
C LYS A 275 -20.19 -1.06 19.23
N GLU A 276 -21.11 -0.66 18.36
CA GLU A 276 -21.29 0.76 18.02
C GLU A 276 -22.45 1.42 18.75
N PHE A 277 -22.20 2.62 19.30
CA PHE A 277 -23.17 3.38 20.08
C PHE A 277 -23.42 4.77 19.50
N ILE A 278 -24.64 5.26 19.64
CA ILE A 278 -24.98 6.64 19.30
C ILE A 278 -25.52 7.33 20.54
N PRO A 279 -25.11 8.60 20.77
CA PRO A 279 -25.72 9.36 21.86
C PRO A 279 -27.17 9.68 21.60
N LEU A 280 -27.96 9.80 22.67
CA LEU A 280 -29.33 10.29 22.59
C LEU A 280 -29.34 11.82 22.48
N PRO A 281 -30.17 12.38 21.57
CA PRO A 281 -30.17 13.85 21.43
C PRO A 281 -30.50 14.56 22.74
N GLY A 282 -29.73 15.60 23.06
CA GLY A 282 -29.92 16.33 24.31
C GLY A 282 -29.41 15.62 25.56
N HIS A 283 -28.72 14.49 25.38
CA HIS A 283 -28.17 13.71 26.48
C HIS A 283 -26.88 13.05 26.04
N PRO A 284 -25.78 13.83 25.99
CA PRO A 284 -24.52 13.35 25.42
C PRO A 284 -23.97 12.15 26.20
N ASP A 285 -24.40 11.99 27.45
CA ASP A 285 -23.92 10.88 28.28
C ASP A 285 -24.70 9.57 28.15
N GLU A 286 -25.88 9.61 27.52
CA GLU A 286 -26.69 8.41 27.37
C GLU A 286 -26.60 7.82 25.98
N LEU A 287 -26.05 6.61 25.92
CA LEU A 287 -25.74 5.96 24.67
C LEU A 287 -26.76 4.88 24.39
N VAL A 288 -27.03 4.63 23.13
CA VAL A 288 -27.84 3.50 22.74
C VAL A 288 -27.09 2.78 21.61
N GLU A 289 -26.98 1.47 21.74
CA GLU A 289 -26.28 0.65 20.77
C GLU A 289 -26.98 0.71 19.44
N TYR A 290 -26.22 0.94 18.39
CA TYR A 290 -26.76 1.02 17.04
C TYR A 290 -27.41 -0.29 16.60
N LYS A 291 -26.86 -1.43 16.99
CA LYS A 291 -27.48 -2.74 16.73
C LYS A 291 -28.82 -2.94 17.45
N GLU A 292 -29.06 -2.21 18.55
CA GLU A 292 -30.38 -2.21 19.20
C GLU A 292 -31.42 -1.62 18.30
N LEU A 293 -31.12 -0.43 17.79
CA LEU A 293 -32.06 0.29 16.97
C LEU A 293 -32.40 -0.48 15.70
N LEU A 294 -31.41 -1.18 15.14
CA LEU A 294 -31.68 -2.09 14.02
C LEU A 294 -32.67 -3.19 14.42
N GLY A 295 -32.42 -3.83 15.56
CA GLY A 295 -33.31 -4.86 16.09
C GLY A 295 -34.75 -4.40 16.24
N LEU A 296 -34.93 -3.20 16.78
CA LEU A 296 -36.26 -2.64 17.03
C LEU A 296 -36.98 -2.35 15.73
N GLU A 297 -36.20 -2.02 14.70
CA GLU A 297 -36.75 -1.74 13.38
C GLU A 297 -37.21 -3.01 12.67
N LYS A 298 -36.38 -4.06 12.68
CA LYS A 298 -36.78 -5.37 12.19
C LYS A 298 -38.02 -5.88 12.94
N MET A 299 -38.12 -5.50 14.21
CA MET A 299 -39.29 -5.84 15.03
C MET A 299 -40.52 -5.02 14.67
N GLY A 300 -40.31 -3.93 13.92
CA GLY A 300 -41.37 -3.01 13.60
C GLY A 300 -41.80 -2.17 14.77
N ARG A 301 -40.84 -1.66 15.53
CA ARG A 301 -41.13 -0.72 16.61
C ARG A 301 -40.46 0.61 16.29
N ASP A 302 -41.25 1.68 16.25
CA ASP A 302 -40.65 2.97 15.92
C ASP A 302 -40.19 3.73 17.16
N GLU A 303 -40.52 3.24 18.35
CA GLU A 303 -40.10 3.94 19.56
C GLU A 303 -38.99 3.23 20.32
N TYR A 304 -38.01 4.02 20.76
CA TYR A 304 -37.00 3.59 21.71
C TYR A 304 -37.31 4.23 23.04
N VAL A 305 -37.64 3.41 24.02
CA VAL A 305 -38.05 3.92 25.32
C VAL A 305 -36.84 3.93 26.25
N SER A 306 -36.48 5.11 26.71
CA SER A 306 -35.43 5.23 27.71
C SER A 306 -36.04 5.31 29.10
N GLY A 307 -36.00 4.18 29.79
CA GLY A 307 -36.43 4.06 31.18
C GLY A 307 -35.69 5.01 32.10
N LYS A 308 -34.36 5.00 32.04
CA LYS A 308 -33.56 5.83 32.92
C LYS A 308 -33.87 7.34 32.76
N LEU A 309 -34.16 7.78 31.53
CA LEU A 309 -34.48 9.19 31.28
C LEU A 309 -35.97 9.54 31.30
N GLU A 310 -36.82 8.51 31.34
CA GLU A 310 -38.28 8.68 31.33
C GLU A 310 -38.72 9.50 30.10
N LYS A 311 -38.19 9.10 28.95
CA LYS A 311 -38.39 9.79 27.70
C LYS A 311 -38.47 8.76 26.57
N VAL A 312 -39.10 9.13 25.46
CA VAL A 312 -39.23 8.22 24.33
C VAL A 312 -38.78 8.87 23.02
N PHE A 313 -37.92 8.15 22.30
CA PHE A 313 -37.28 8.61 21.06
C PHE A 313 -37.73 7.78 19.85
N SER A 314 -37.55 8.34 18.65
CA SER A 314 -37.88 7.65 17.41
C SER A 314 -36.74 6.79 16.87
N VAL A 315 -37.03 5.52 16.60
CA VAL A 315 -36.02 4.58 16.10
C VAL A 315 -35.57 5.00 14.71
N SER A 316 -36.53 5.23 13.82
CA SER A 316 -36.25 5.63 12.45
C SER A 316 -35.41 6.91 12.38
N LYS A 317 -35.85 7.92 13.12
CA LYS A 317 -35.28 9.25 12.98
C LYS A 317 -33.84 9.32 13.51
N MET A 318 -33.56 8.56 14.55
CA MET A 318 -32.20 8.45 15.08
C MET A 318 -31.29 7.67 14.16
N LEU A 319 -31.81 6.58 13.60
CA LEU A 319 -31.11 5.84 12.57
C LEU A 319 -30.78 6.75 11.38
N ASP A 320 -31.77 7.51 10.92
CA ASP A 320 -31.59 8.37 9.74
C ASP A 320 -30.52 9.45 9.89
N SER A 321 -30.24 9.85 11.12
CA SER A 321 -29.23 10.87 11.35
C SER A 321 -27.81 10.28 11.26
N VAL A 322 -27.75 8.94 11.17
CA VAL A 322 -26.49 8.19 11.13
C VAL A 322 -26.26 7.46 9.78
N ILE A 323 -27.31 6.91 9.16
CA ILE A 323 -27.14 6.17 7.89
C ILE A 323 -28.01 6.57 6.66
N SER A 324 -29.21 5.98 6.52
CA SER A 324 -29.94 5.99 5.23
C SER A 324 -31.47 6.03 5.38
N ALA B 15 -15.77 -33.83 -5.79
CA ALA B 15 -15.98 -32.83 -4.70
C ALA B 15 -17.43 -32.35 -4.64
N PRO B 16 -18.33 -33.19 -4.07
CA PRO B 16 -19.77 -32.89 -4.06
C PRO B 16 -20.15 -31.57 -3.39
N SER B 17 -19.50 -31.26 -2.26
CA SER B 17 -19.77 -30.03 -1.52
C SER B 17 -19.30 -28.80 -2.30
N TRP B 18 -18.08 -28.86 -2.83
CA TRP B 18 -17.47 -27.76 -3.59
C TRP B 18 -18.32 -27.39 -4.81
N ILE B 19 -18.77 -28.41 -5.55
CA ILE B 19 -19.59 -28.21 -6.75
C ILE B 19 -20.86 -27.41 -6.43
N LYS B 20 -21.57 -27.83 -5.38
CA LYS B 20 -22.80 -27.18 -4.96
C LYS B 20 -22.57 -25.71 -4.56
N VAL B 21 -21.69 -25.50 -3.59
CA VAL B 21 -21.37 -24.14 -3.11
C VAL B 21 -21.11 -23.16 -4.28
N LYS B 22 -20.30 -23.59 -5.24
CA LYS B 22 -20.04 -22.84 -6.48
C LYS B 22 -21.35 -22.37 -7.10
N GLU B 23 -22.22 -23.32 -7.47
CA GLU B 23 -23.53 -23.00 -8.06
C GLU B 23 -24.31 -22.04 -7.17
N LYS B 24 -24.41 -22.37 -5.88
CA LYS B 24 -25.15 -21.58 -4.91
C LYS B 24 -24.59 -20.15 -4.80
N LEU B 25 -23.28 -20.03 -4.72
CA LEU B 25 -22.62 -18.72 -4.58
C LEU B 25 -22.71 -17.89 -5.87
N VAL B 26 -22.51 -18.52 -7.02
CA VAL B 26 -22.68 -17.85 -8.31
C VAL B 26 -24.09 -17.32 -8.46
N GLU B 27 -25.08 -18.16 -8.15
CA GLU B 27 -26.50 -17.77 -8.19
C GLU B 27 -26.76 -16.60 -7.23
N ALA B 28 -26.27 -16.72 -6.00
CA ALA B 28 -26.47 -15.69 -4.99
C ALA B 28 -25.76 -14.37 -5.31
N THR B 29 -24.61 -14.45 -5.97
CA THR B 29 -23.86 -13.24 -6.35
C THR B 29 -24.56 -12.47 -7.48
N THR B 30 -25.24 -13.20 -8.36
CA THR B 30 -25.94 -12.56 -9.48
C THR B 30 -27.37 -12.12 -9.10
N ALA B 31 -27.89 -12.66 -8.00
CA ALA B 31 -29.18 -12.23 -7.45
C ALA B 31 -28.99 -10.90 -6.73
N GLN B 32 -28.27 -10.93 -5.60
CA GLN B 32 -27.75 -9.72 -5.00
C GLN B 32 -26.56 -9.27 -5.85
N ARG B 33 -25.87 -8.21 -5.45
CA ARG B 33 -24.68 -7.80 -6.17
C ARG B 33 -23.46 -8.48 -5.55
N TYR B 34 -23.56 -8.76 -4.25
CA TYR B 34 -22.49 -9.35 -3.44
C TYR B 34 -23.08 -9.88 -2.14
N LEU B 35 -22.26 -10.54 -1.32
CA LEU B 35 -22.73 -11.20 -0.10
C LEU B 35 -21.85 -10.87 1.11
N ASN B 36 -22.39 -11.13 2.31
CA ASN B 36 -21.67 -10.92 3.57
C ASN B 36 -21.30 -12.22 4.29
N ARG B 37 -20.24 -12.18 5.09
CA ARG B 37 -19.74 -13.35 5.84
C ARG B 37 -20.85 -14.33 6.24
N THR B 38 -21.89 -13.82 6.90
CA THR B 38 -22.99 -14.64 7.41
C THR B 38 -23.71 -15.40 6.30
N GLU B 39 -24.08 -14.71 5.23
CA GLU B 39 -24.73 -15.34 4.07
C GLU B 39 -23.83 -16.40 3.44
N VAL B 40 -22.53 -16.09 3.38
CA VAL B 40 -21.53 -16.98 2.80
C VAL B 40 -21.24 -18.19 3.69
N GLU B 41 -20.91 -17.93 4.96
CA GLU B 41 -20.66 -18.99 5.93
C GLU B 41 -21.83 -19.98 5.96
N LYS B 42 -23.05 -19.46 5.99
CA LYS B 42 -24.26 -20.29 5.99
C LYS B 42 -24.40 -21.11 4.71
N ILE B 43 -24.00 -20.53 3.58
CA ILE B 43 -24.08 -21.20 2.28
C ILE B 43 -23.16 -22.42 2.20
N CYS B 44 -21.99 -22.34 2.83
CA CYS B 44 -21.05 -23.47 2.80
C CYS B 44 -21.21 -24.44 3.98
N ASN B 45 -21.79 -23.97 5.08
CA ASN B 45 -22.17 -24.85 6.19
C ASN B 45 -23.43 -25.65 5.85
N ASP B 46 -24.35 -25.02 5.09
CA ASP B 46 -25.50 -25.72 4.52
C ASP B 46 -25.06 -26.89 3.65
N SER B 47 -24.01 -26.65 2.87
CA SER B 47 -23.50 -27.63 1.92
C SER B 47 -22.46 -28.56 2.54
N GLY B 48 -22.07 -28.31 3.79
CA GLY B 48 -21.17 -29.21 4.52
C GLY B 48 -19.88 -28.58 5.04
N ILE B 49 -19.19 -27.85 4.17
CA ILE B 49 -17.88 -27.23 4.44
C ILE B 49 -17.88 -26.31 5.67
N THR B 50 -17.21 -26.74 6.74
CA THR B 50 -17.18 -25.99 8.01
C THR B 50 -15.80 -25.43 8.37
N ASP B 51 -14.79 -26.31 8.40
CA ASP B 51 -13.43 -25.95 8.83
C ASP B 51 -12.88 -24.76 8.04
N PRO B 52 -12.63 -23.62 8.73
CA PRO B 52 -12.33 -22.32 8.12
C PRO B 52 -11.22 -22.35 7.07
N GLY B 53 -10.27 -23.27 7.22
CA GLY B 53 -9.24 -23.50 6.22
C GLY B 53 -9.84 -23.83 4.86
N GLU B 54 -10.69 -24.87 4.86
CA GLU B 54 -11.44 -25.27 3.66
C GLU B 54 -12.22 -24.10 3.05
N ARG B 55 -13.01 -23.42 3.89
CA ARG B 55 -13.73 -22.21 3.47
C ARG B 55 -12.80 -21.26 2.71
N LYS B 56 -11.66 -20.95 3.32
CA LYS B 56 -10.70 -20.00 2.75
C LYS B 56 -10.04 -20.52 1.46
N THR B 57 -9.72 -21.82 1.42
CA THR B 57 -9.07 -22.39 0.24
C THR B 57 -10.00 -22.52 -0.97
N LEU B 58 -11.30 -22.75 -0.71
CA LEU B 58 -12.31 -22.78 -1.78
C LEU B 58 -12.58 -21.39 -2.39
N LEU B 59 -12.68 -20.38 -1.54
CA LEU B 59 -13.00 -19.02 -1.99
C LEU B 59 -11.87 -18.38 -2.78
N GLY B 60 -10.63 -18.53 -2.30
CA GLY B 60 -9.46 -18.04 -3.02
C GLY B 60 -9.33 -18.70 -4.37
N TYR B 61 -9.62 -20.00 -4.39
CA TYR B 61 -9.61 -20.82 -5.61
C TYR B 61 -10.57 -20.26 -6.67
N LEU B 62 -11.80 -19.96 -6.26
CA LEU B 62 -12.79 -19.41 -7.19
C LEU B 62 -12.44 -18.00 -7.64
N ASN B 63 -11.77 -17.24 -6.76
CA ASN B 63 -11.28 -15.91 -7.10
C ASN B 63 -10.30 -15.97 -8.28
N ASN B 64 -9.36 -16.91 -8.21
CA ASN B 64 -8.38 -17.14 -9.28
C ASN B 64 -9.03 -17.55 -10.60
N LEU B 65 -9.95 -18.52 -10.53
CA LEU B 65 -10.68 -19.00 -11.71
C LEU B 65 -11.68 -17.96 -12.22
N GLY B 66 -11.54 -16.73 -11.75
CA GLY B 66 -12.34 -15.60 -12.21
C GLY B 66 -13.84 -15.73 -11.99
N ILE B 67 -14.24 -16.87 -11.45
CA ILE B 67 -15.64 -17.24 -11.28
C ILE B 67 -16.36 -16.29 -10.34
N VAL B 68 -15.77 -16.10 -9.16
CA VAL B 68 -16.36 -15.25 -8.12
C VAL B 68 -15.25 -14.48 -7.41
N LEU B 69 -15.48 -13.20 -7.12
CA LEU B 69 -14.43 -12.33 -6.58
C LEU B 69 -14.35 -12.31 -5.06
N TYR B 70 -13.12 -12.35 -4.56
CA TYR B 70 -12.84 -12.49 -3.13
C TYR B 70 -11.50 -11.84 -2.79
N PHE B 71 -11.55 -10.75 -2.03
CA PHE B 71 -10.35 -9.99 -1.69
C PHE B 71 -10.04 -10.13 -0.20
N GLU B 72 -9.04 -10.97 0.09
CA GLU B 72 -8.61 -11.17 1.47
C GLU B 72 -7.90 -9.93 2.04
N ALA B 73 -7.48 -9.03 1.15
CA ALA B 73 -6.80 -7.79 1.53
C ALA B 73 -7.76 -6.74 2.09
N LEU B 74 -8.99 -6.70 1.59
CA LEU B 74 -10.01 -5.79 2.14
C LEU B 74 -10.78 -6.45 3.30
N ASP B 75 -11.44 -7.57 3.03
CA ASP B 75 -12.07 -8.42 4.07
C ASP B 75 -13.22 -7.75 4.87
N LEU B 76 -14.09 -7.03 4.16
CA LEU B 76 -15.24 -6.38 4.79
C LEU B 76 -16.43 -7.32 4.85
N SER B 77 -16.99 -7.50 6.04
CA SER B 77 -18.12 -8.40 6.23
C SER B 77 -19.27 -8.14 5.25
N GLU B 78 -19.73 -6.90 5.17
CA GLU B 78 -20.87 -6.55 4.30
C GLU B 78 -20.61 -6.65 2.79
N ILE B 79 -19.35 -6.63 2.38
CA ILE B 79 -18.99 -6.87 0.96
C ILE B 79 -17.89 -7.95 0.86
N TYR B 80 -18.25 -9.18 1.22
CA TYR B 80 -17.30 -10.27 1.44
C TYR B 80 -16.90 -11.01 0.16
N VAL B 81 -17.91 -11.38 -0.61
CA VAL B 81 -17.75 -12.14 -1.85
C VAL B 81 -18.56 -11.44 -2.93
N LEU B 82 -17.90 -11.01 -4.00
CA LEU B 82 -18.53 -10.18 -5.02
C LEU B 82 -18.77 -10.87 -6.37
N ASP B 83 -19.79 -10.40 -7.10
CA ASP B 83 -20.06 -10.81 -8.49
C ASP B 83 -19.04 -10.14 -9.41
N PRO B 84 -18.38 -10.94 -10.27
CA PRO B 84 -17.31 -10.35 -11.09
C PRO B 84 -17.86 -9.33 -12.08
N HIS B 85 -19.00 -9.64 -12.68
CA HIS B 85 -19.63 -8.80 -13.67
C HIS B 85 -19.87 -7.39 -13.09
N TRP B 86 -20.31 -7.33 -11.83
CA TRP B 86 -20.62 -6.05 -11.17
C TRP B 86 -19.41 -5.14 -10.99
N VAL B 87 -18.25 -5.72 -10.63
CA VAL B 87 -17.04 -4.91 -10.46
C VAL B 87 -16.39 -4.54 -11.79
N THR B 88 -16.54 -5.40 -12.78
CA THR B 88 -15.96 -5.14 -14.08
C THR B 88 -16.68 -4.00 -14.80
N ILE B 89 -18.01 -4.03 -14.80
CA ILE B 89 -18.78 -2.93 -15.39
C ILE B 89 -18.45 -1.62 -14.66
N GLY B 90 -18.36 -1.69 -13.33
CA GLY B 90 -18.02 -0.53 -12.52
C GLY B 90 -16.66 0.03 -12.85
N VAL B 91 -15.64 -0.82 -12.82
CA VAL B 91 -14.28 -0.42 -13.15
C VAL B 91 -14.20 0.09 -14.58
N TYR B 92 -14.83 -0.65 -15.50
CA TYR B 92 -14.88 -0.28 -16.91
C TYR B 92 -15.42 1.14 -17.03
N ARG B 93 -16.57 1.39 -16.41
CA ARG B 93 -17.21 2.71 -16.50
C ARG B 93 -16.29 3.83 -15.98
N ILE B 94 -15.52 3.54 -14.93
CA ILE B 94 -14.53 4.48 -14.40
C ILE B 94 -13.37 4.78 -15.37
N ILE B 95 -12.68 3.74 -15.86
CA ILE B 95 -11.55 3.98 -16.77
C ILE B 95 -11.97 4.44 -18.17
N ASN B 96 -13.26 4.33 -18.49
CA ASN B 96 -13.78 4.74 -19.81
C ASN B 96 -14.62 6.00 -19.82
N SER B 97 -14.89 6.55 -18.64
CA SER B 97 -15.56 7.84 -18.53
C SER B 97 -14.84 8.90 -19.34
N SER B 98 -15.62 9.81 -19.91
CA SER B 98 -15.07 11.00 -20.58
C SER B 98 -14.30 11.86 -19.56
N LYS B 99 -14.69 11.76 -18.30
CA LYS B 99 -14.08 12.55 -17.22
C LYS B 99 -12.71 12.03 -16.75
N THR B 100 -12.30 10.86 -17.24
CA THR B 100 -11.00 10.30 -16.85
C THR B 100 -10.03 10.16 -18.03
N LYS B 101 -10.43 10.68 -19.19
CA LYS B 101 -9.71 10.52 -20.46
C LYS B 101 -8.27 11.03 -20.46
N ASN B 102 -7.99 12.02 -19.62
CA ASN B 102 -6.65 12.63 -19.53
C ASN B 102 -5.86 12.12 -18.33
N GLY B 103 -6.45 11.14 -17.64
CA GLY B 103 -5.81 10.45 -16.53
C GLY B 103 -6.10 11.01 -15.15
N HIS B 104 -7.04 11.94 -15.05
CA HIS B 104 -7.41 12.50 -13.74
C HIS B 104 -8.82 12.10 -13.34
N LEU B 105 -9.01 11.85 -12.04
CA LEU B 105 -10.31 11.50 -11.47
C LEU B 105 -10.59 12.34 -10.23
N ASN B 106 -11.57 13.23 -10.35
CA ASN B 106 -12.12 13.92 -9.19
C ASN B 106 -13.27 13.09 -8.64
N THR B 107 -12.98 12.36 -7.57
CA THR B 107 -13.91 11.38 -6.98
C THR B 107 -15.32 11.91 -6.72
N SER B 108 -15.47 13.23 -6.69
CA SER B 108 -16.79 13.87 -6.58
C SER B 108 -17.66 13.42 -7.75
N ALA B 109 -17.01 13.04 -8.83
CA ALA B 109 -17.72 12.69 -10.06
C ALA B 109 -18.05 11.21 -10.16
N LEU B 110 -17.69 10.44 -9.13
CA LEU B 110 -17.90 8.99 -9.16
C LEU B 110 -19.37 8.58 -9.34
N GLY B 111 -20.28 9.28 -8.67
CA GLY B 111 -21.70 9.01 -8.81
C GLY B 111 -22.21 9.28 -10.22
N TYR B 112 -21.81 10.41 -10.79
CA TYR B 112 -22.10 10.75 -12.18
C TYR B 112 -21.54 9.69 -13.12
N ILE B 113 -20.26 9.33 -12.94
CA ILE B 113 -19.60 8.32 -13.76
C ILE B 113 -20.28 6.94 -13.67
N LEU B 114 -20.65 6.52 -12.47
CA LEU B 114 -21.12 5.15 -12.25
C LEU B 114 -22.59 4.93 -12.53
N ASN B 115 -23.38 5.98 -12.36
CA ASN B 115 -24.84 5.88 -12.50
C ASN B 115 -25.45 6.71 -13.64
N GLU B 116 -24.77 7.79 -14.04
CA GLU B 116 -25.27 8.67 -15.11
C GLU B 116 -24.84 8.29 -16.53
N GLU B 117 -23.58 8.57 -16.88
CA GLU B 117 -23.05 8.35 -18.22
C GLU B 117 -23.57 7.07 -18.89
N LYS B 131 -28.14 -2.26 -16.19
CA LYS B 131 -28.85 -1.62 -15.07
C LYS B 131 -28.18 -1.96 -13.75
N PHE B 132 -27.05 -1.31 -13.48
CA PHE B 132 -26.31 -1.46 -12.21
C PHE B 132 -26.21 -0.15 -11.43
N THR B 133 -26.45 -0.24 -10.12
CA THR B 133 -26.39 0.93 -9.26
C THR B 133 -25.24 0.82 -8.25
N TYR B 134 -24.61 1.94 -7.97
CA TYR B 134 -23.48 2.00 -7.06
C TYR B 134 -23.69 3.07 -6.00
N THR B 135 -23.95 2.65 -4.77
CA THR B 135 -24.11 3.56 -3.64
C THR B 135 -22.77 4.20 -3.25
N LEU B 136 -22.82 5.19 -2.36
CA LEU B 136 -21.61 5.85 -1.86
C LEU B 136 -20.53 4.88 -1.40
N LEU B 137 -20.90 3.93 -0.55
CA LEU B 137 -19.95 2.93 -0.08
C LEU B 137 -19.51 2.04 -1.20
N GLU B 138 -20.43 1.63 -2.06
CA GLU B 138 -20.06 0.79 -3.22
C GLU B 138 -19.08 1.50 -4.16
N GLN B 139 -19.10 2.82 -4.17
CA GLN B 139 -18.11 3.62 -4.90
C GLN B 139 -16.73 3.55 -4.22
N ARG B 140 -16.70 3.81 -2.91
CA ARG B 140 -15.49 3.68 -2.11
C ARG B 140 -14.85 2.32 -2.29
N TYR B 141 -15.68 1.29 -2.28
CA TYR B 141 -15.23 -0.08 -2.43
C TYR B 141 -14.57 -0.34 -3.80
N LEU B 142 -15.14 0.24 -4.85
CA LEU B 142 -14.58 0.08 -6.19
C LEU B 142 -13.19 0.71 -6.26
N LEU B 143 -13.10 1.96 -5.81
CA LEU B 143 -11.82 2.64 -5.67
C LEU B 143 -10.77 1.80 -4.94
N ASP B 144 -11.18 1.17 -3.83
CA ASP B 144 -10.28 0.29 -3.11
C ASP B 144 -9.81 -0.88 -3.95
N ILE B 145 -10.70 -1.49 -4.73
CA ILE B 145 -10.29 -2.57 -5.63
C ILE B 145 -9.28 -2.05 -6.65
N MET B 146 -9.58 -0.88 -7.21
CA MET B 146 -8.69 -0.24 -8.16
C MET B 146 -7.30 0.04 -7.59
N LYS B 147 -7.23 0.52 -6.35
CA LYS B 147 -5.95 0.77 -5.68
C LYS B 147 -5.17 -0.53 -5.52
N GLN B 148 -5.90 -1.56 -5.08
CA GLN B 148 -5.39 -2.91 -4.90
C GLN B 148 -4.77 -3.46 -6.18
N PHE B 149 -5.45 -3.30 -7.32
CA PHE B 149 -4.91 -3.73 -8.59
C PHE B 149 -3.91 -2.75 -9.21
N GLU B 150 -3.60 -1.68 -8.47
CA GLU B 150 -2.62 -0.65 -8.85
C GLU B 150 -2.95 0.03 -10.19
N LEU B 151 -4.21 0.44 -10.32
CA LEU B 151 -4.70 1.13 -11.50
C LEU B 151 -4.76 2.64 -11.28
N CYS B 152 -4.64 3.08 -10.03
CA CYS B 152 -4.74 4.50 -9.70
C CYS B 152 -4.17 4.80 -8.32
N TYR B 153 -3.93 6.09 -8.05
CA TYR B 153 -3.52 6.52 -6.72
C TYR B 153 -4.09 7.92 -6.40
N ASP B 154 -4.13 8.28 -5.12
CA ASP B 154 -4.60 9.58 -4.67
C ASP B 154 -3.45 10.57 -4.72
N GLU B 155 -3.58 11.65 -5.47
CA GLU B 155 -2.49 12.63 -5.57
C GLU B 155 -2.50 13.63 -4.41
N GLY B 156 -3.66 13.81 -3.79
CA GLY B 156 -3.77 14.73 -2.66
C GLY B 156 -5.12 15.36 -2.41
N LYS B 157 -5.56 16.25 -3.30
CA LYS B 157 -6.71 17.10 -3.00
C LYS B 157 -8.03 16.51 -3.53
N GLY B 158 -8.30 15.26 -3.18
CA GLY B 158 -9.44 14.50 -3.70
C GLY B 158 -9.36 14.28 -5.22
N LEU B 159 -8.14 14.16 -5.72
CA LEU B 159 -7.88 14.03 -7.14
C LEU B 159 -7.02 12.80 -7.36
N PHE B 160 -7.61 11.80 -8.00
CA PHE B 160 -6.93 10.53 -8.25
C PHE B 160 -6.26 10.56 -9.61
N ILE B 161 -5.14 9.84 -9.72
CA ILE B 161 -4.49 9.72 -11.02
C ILE B 161 -4.58 8.28 -11.53
N ILE B 162 -4.99 8.13 -12.78
CA ILE B 162 -5.08 6.84 -13.43
C ILE B 162 -4.05 6.77 -14.56
N PRO B 163 -2.81 6.34 -14.22
CA PRO B 163 -1.68 6.43 -15.13
C PRO B 163 -1.92 5.88 -16.52
N SER B 164 -2.68 4.81 -16.67
CA SER B 164 -2.88 4.21 -18.00
C SER B 164 -3.82 5.03 -18.89
N ASN B 165 -4.46 6.06 -18.31
CA ASN B 165 -5.26 7.00 -19.09
C ASN B 165 -4.55 8.31 -19.38
N LEU B 166 -3.29 8.43 -18.95
CA LEU B 166 -2.54 9.66 -19.18
C LEU B 166 -2.19 9.80 -20.66
N PRO B 167 -2.16 11.05 -21.18
CA PRO B 167 -1.82 11.32 -22.59
C PRO B 167 -0.46 10.76 -22.98
N THR B 168 -0.29 10.40 -24.25
CA THR B 168 1.00 9.87 -24.73
C THR B 168 2.13 10.90 -24.72
N GLN B 169 1.78 12.18 -24.83
CA GLN B 169 2.77 13.27 -24.77
C GLN B 169 2.31 14.36 -23.82
N ILE B 170 3.26 15.12 -23.29
CA ILE B 170 2.91 16.38 -22.61
C ILE B 170 3.70 17.56 -23.16
N ASP B 171 3.04 18.71 -23.25
CA ASP B 171 3.62 19.92 -23.86
C ASP B 171 4.88 20.47 -23.19
N ASN B 172 5.05 20.16 -21.91
CA ASN B 172 6.15 20.71 -21.12
C ASN B 172 7.24 19.70 -20.77
N GLU B 173 7.14 18.50 -21.35
CA GLU B 173 8.16 17.46 -21.19
C GLU B 173 9.58 18.03 -21.33
N PRO B 174 10.40 17.89 -20.28
CA PRO B 174 11.78 18.37 -20.36
C PRO B 174 12.66 17.38 -21.09
N GLU B 175 13.80 17.86 -21.58
CA GLU B 175 14.72 17.02 -22.35
C GLU B 175 15.50 16.08 -21.44
N ILE B 176 15.98 16.63 -20.32
CA ILE B 176 16.89 15.93 -19.42
C ILE B 176 17.99 15.24 -20.24
N THR B 177 18.61 15.99 -21.13
CA THR B 177 19.67 15.43 -21.94
C THR B 177 20.95 16.26 -21.81
N GLU B 178 20.90 17.30 -20.98
CA GLU B 178 21.81 18.43 -21.08
C GLU B 178 23.27 18.21 -20.64
N GLY B 179 23.50 17.54 -19.52
CA GLY B 179 24.85 17.62 -18.97
C GLY B 179 25.64 16.34 -18.92
N GLU B 180 25.73 15.64 -20.04
CA GLU B 180 26.22 14.24 -20.05
C GLU B 180 25.54 13.43 -18.93
N PRO B 181 24.20 13.28 -18.97
CA PRO B 181 23.49 12.55 -17.93
C PRO B 181 23.83 11.07 -17.90
N LEU B 182 23.55 10.43 -16.76
CA LEU B 182 23.74 9.00 -16.59
C LEU B 182 22.56 8.21 -17.16
N ARG B 183 22.81 7.46 -18.23
CA ARG B 183 21.78 6.60 -18.83
C ARG B 183 21.96 5.16 -18.38
N PHE B 184 20.85 4.46 -18.17
CA PHE B 184 20.82 3.07 -17.72
C PHE B 184 19.61 2.43 -18.37
N ILE B 185 19.83 1.32 -19.06
CA ILE B 185 18.77 0.78 -19.92
C ILE B 185 18.31 -0.61 -19.48
N MET B 186 17.00 -0.75 -19.28
CA MET B 186 16.43 -2.01 -18.84
C MET B 186 15.67 -2.68 -19.98
N LYS B 187 16.19 -3.83 -20.39
CA LYS B 187 15.69 -4.53 -21.57
C LYS B 187 14.84 -5.74 -21.17
N TYR B 188 13.55 -5.70 -21.52
CA TYR B 188 12.62 -6.77 -21.21
C TYR B 188 12.43 -7.69 -22.39
N ASP B 189 12.29 -8.98 -22.11
CA ASP B 189 11.93 -9.97 -23.12
C ASP B 189 10.54 -9.62 -23.65
N TYR B 190 9.66 -9.35 -22.70
CA TYR B 190 8.36 -8.75 -22.96
C TYR B 190 8.16 -7.72 -21.84
N LEU B 191 7.63 -6.55 -22.20
CA LEU B 191 7.46 -5.45 -21.25
C LEU B 191 6.02 -5.19 -20.92
N PRO B 192 5.58 -5.59 -19.70
CA PRO B 192 4.20 -5.34 -19.27
C PRO B 192 3.85 -3.86 -19.34
N SER B 193 2.63 -3.56 -19.76
CA SER B 193 2.21 -2.18 -19.97
C SER B 193 1.91 -1.48 -18.66
N THR B 194 2.11 -2.19 -17.55
CA THR B 194 1.75 -1.69 -16.23
C THR B 194 2.96 -1.33 -15.37
N ILE B 195 4.16 -1.52 -15.91
CA ILE B 195 5.38 -1.16 -15.20
C ILE B 195 5.42 0.35 -14.88
N ILE B 196 5.25 1.19 -15.90
CA ILE B 196 5.17 2.66 -15.72
C ILE B 196 4.08 3.14 -14.74
N PRO B 197 2.82 2.69 -14.91
CA PRO B 197 1.82 2.96 -13.87
C PRO B 197 2.31 2.60 -12.48
N ARG B 198 2.77 1.36 -12.31
CA ARG B 198 3.19 0.86 -11.01
C ARG B 198 4.34 1.67 -10.42
N LEU B 199 5.24 2.13 -11.28
CA LEU B 199 6.36 2.98 -10.85
C LEU B 199 5.89 4.36 -10.38
N MET B 200 4.92 4.93 -11.09
CA MET B 200 4.31 6.19 -10.65
C MET B 200 3.69 6.04 -9.28
N ILE B 201 3.01 4.91 -9.04
CA ILE B 201 2.41 4.63 -7.74
C ILE B 201 3.49 4.53 -6.68
N ALA B 202 4.59 3.82 -6.99
CA ALA B 202 5.71 3.70 -6.08
C ALA B 202 6.36 5.03 -5.70
N MET B 203 6.37 5.98 -6.64
CA MET B 203 7.14 7.20 -6.46
C MET B 203 6.30 8.47 -6.67
N GLN B 204 5.04 8.38 -6.28
CA GLN B 204 4.07 9.45 -6.43
C GLN B 204 4.56 10.80 -5.90
N HIS B 205 5.22 10.78 -4.74
CA HIS B 205 5.69 11.97 -4.05
C HIS B 205 6.92 12.63 -4.67
N GLN B 206 7.46 11.99 -5.70
CA GLN B 206 8.67 12.50 -6.31
C GLN B 206 8.47 12.89 -7.77
N ILE B 207 7.24 12.75 -8.27
CA ILE B 207 6.93 13.19 -9.63
C ILE B 207 6.85 14.72 -9.63
N LEU B 208 7.65 15.37 -10.47
CA LEU B 208 7.89 16.81 -10.36
C LEU B 208 6.65 17.72 -10.49
N ASP B 209 6.29 18.14 -11.70
CA ASP B 209 5.13 19.07 -11.80
C ASP B 209 4.00 18.47 -12.61
N ARG B 210 3.41 17.39 -12.09
CA ARG B 210 2.50 16.56 -12.86
C ARG B 210 3.18 16.16 -14.18
N MET B 211 4.50 16.07 -14.15
CA MET B 211 5.29 15.70 -15.33
C MET B 211 5.29 14.18 -15.53
N GLN B 212 4.14 13.69 -15.97
CA GLN B 212 3.84 12.27 -16.07
C GLN B 212 2.95 12.05 -17.28
N TRP B 213 3.26 11.03 -18.06
CA TRP B 213 2.49 10.73 -19.26
C TRP B 213 2.45 9.20 -19.37
N ARG B 214 1.74 8.67 -20.36
CA ARG B 214 1.51 7.22 -20.43
C ARG B 214 2.81 6.42 -20.33
N TYR B 215 3.88 6.96 -20.93
CA TYR B 215 5.13 6.23 -21.05
C TYR B 215 6.28 6.71 -20.16
N GLY B 216 5.99 7.59 -19.20
CA GLY B 216 7.06 8.10 -18.36
C GLY B 216 6.81 9.20 -17.35
N MET B 217 7.85 9.49 -16.57
CA MET B 217 7.82 10.41 -15.45
C MET B 217 9.01 11.33 -15.49
N VAL B 218 8.88 12.47 -14.84
CA VAL B 218 10.04 13.19 -14.37
C VAL B 218 10.07 13.10 -12.84
N LEU B 219 11.16 12.59 -12.30
CA LEU B 219 11.30 12.40 -10.87
C LEU B 219 12.35 13.33 -10.28
N LYS B 220 12.03 13.99 -9.19
CA LYS B 220 12.98 14.82 -8.48
C LYS B 220 13.13 14.29 -7.06
N SER B 221 14.37 14.21 -6.58
CA SER B 221 14.62 13.75 -5.22
C SER B 221 14.87 14.91 -4.28
N GLN B 222 14.47 14.77 -3.02
CA GLN B 222 14.79 15.78 -2.01
C GLN B 222 16.15 15.49 -1.34
N ASP B 223 16.34 14.20 -1.01
CA ASP B 223 17.48 13.73 -0.21
C ASP B 223 18.84 13.74 -0.91
N HIS B 224 18.83 13.84 -2.24
CA HIS B 224 20.08 14.00 -2.96
C HIS B 224 20.09 15.38 -3.61
N GLU B 225 19.91 16.38 -2.73
CA GLU B 225 19.73 17.79 -3.08
C GLU B 225 20.32 18.07 -4.44
N GLY B 226 19.42 18.24 -5.41
CA GLY B 226 19.76 18.25 -6.81
C GLY B 226 19.02 17.12 -7.48
N ALA B 227 19.75 16.04 -7.78
CA ALA B 227 19.31 14.89 -8.62
C ALA B 227 17.92 14.91 -9.26
N LEU B 228 17.90 14.91 -10.59
CA LEU B 228 16.68 14.96 -11.40
C LEU B 228 16.69 13.88 -12.45
N ALA B 229 15.62 13.09 -12.51
CA ALA B 229 15.56 11.87 -13.33
C ALA B 229 14.37 11.83 -14.29
N LYS B 230 14.56 11.20 -15.44
CA LYS B 230 13.47 10.95 -16.40
C LYS B 230 13.42 9.46 -16.72
N VAL B 231 12.25 8.84 -16.56
CA VAL B 231 12.10 7.40 -16.82
C VAL B 231 11.10 7.21 -17.95
N VAL B 232 11.52 6.51 -18.99
CA VAL B 232 10.70 6.41 -20.20
C VAL B 232 10.62 4.98 -20.71
N ALA B 233 9.41 4.54 -21.03
CA ALA B 233 9.19 3.24 -21.64
C ALA B 233 9.09 3.36 -23.16
N GLU B 234 9.71 2.41 -23.83
CA GLU B 234 9.66 2.35 -25.29
C GLU B 234 9.03 1.02 -25.70
N THR B 235 7.75 1.07 -26.04
CA THR B 235 6.98 -0.11 -26.41
C THR B 235 7.66 -0.95 -27.50
N LYS B 236 8.01 -0.32 -28.61
CA LYS B 236 8.63 -1.02 -29.74
C LYS B 236 9.98 -1.71 -29.42
N ASP B 237 10.64 -1.30 -28.34
CA ASP B 237 11.95 -1.87 -27.99
C ASP B 237 11.97 -2.69 -26.71
N SER B 238 10.82 -2.72 -26.02
CA SER B 238 10.70 -3.38 -24.72
C SER B 238 11.78 -2.89 -23.75
N THR B 239 11.96 -1.57 -23.70
CA THR B 239 12.95 -0.96 -22.81
C THR B 239 12.34 0.07 -21.88
N ILE B 240 12.86 0.09 -20.66
CA ILE B 240 12.68 1.22 -19.76
C ILE B 240 14.05 1.84 -19.63
N THR B 241 14.11 3.15 -19.84
CA THR B 241 15.37 3.90 -19.86
C THR B 241 15.37 4.92 -18.74
N ILE B 242 16.43 4.92 -17.96
CA ILE B 242 16.58 5.90 -16.88
C ILE B 242 17.71 6.86 -17.20
N ALA B 243 17.42 8.17 -17.15
CA ALA B 243 18.44 9.19 -17.36
C ALA B 243 18.43 10.17 -16.20
N ILE B 244 19.62 10.53 -15.70
CA ILE B 244 19.74 11.25 -14.42
C ILE B 244 20.77 12.38 -14.50
N GLN B 245 20.41 13.54 -13.94
CA GLN B 245 21.31 14.70 -13.92
C GLN B 245 21.57 15.17 -12.48
N GLY B 246 22.74 15.78 -12.26
CA GLY B 246 23.11 16.31 -10.95
C GLY B 246 24.56 15.99 -10.61
N GLU B 247 24.98 16.34 -9.41
CA GLU B 247 26.32 15.98 -8.92
C GLU B 247 26.63 14.48 -9.06
N PRO B 248 27.91 14.10 -9.19
CA PRO B 248 28.20 12.73 -9.61
C PRO B 248 27.76 11.66 -8.60
N ARG B 249 27.96 11.92 -7.31
CA ARG B 249 27.49 11.01 -6.26
C ARG B 249 25.96 10.89 -6.26
N CYS B 250 25.26 12.01 -6.43
CA CYS B 250 23.80 12.02 -6.49
C CYS B 250 23.21 11.17 -7.60
N LYS B 251 23.76 11.30 -8.81
CA LYS B 251 23.23 10.57 -9.95
C LYS B 251 23.26 9.08 -9.66
N ARG B 252 24.38 8.62 -9.09
CA ARG B 252 24.56 7.20 -8.77
C ARG B 252 23.59 6.72 -7.70
N GLU B 253 23.38 7.53 -6.67
CA GLU B 253 22.49 7.17 -5.59
C GLU B 253 21.03 7.13 -6.02
N TYR B 254 20.62 8.07 -6.87
CA TYR B 254 19.23 8.12 -7.31
C TYR B 254 18.87 7.01 -8.29
N LEU B 255 19.81 6.64 -9.17
CA LEU B 255 19.62 5.49 -10.05
C LEU B 255 19.45 4.23 -9.20
N SER B 256 20.27 4.15 -8.17
CA SER B 256 20.20 3.07 -7.24
C SER B 256 18.77 2.91 -6.70
N ILE B 257 18.11 4.02 -6.34
CA ILE B 257 16.77 3.90 -5.76
C ILE B 257 15.70 3.62 -6.84
N ILE B 258 15.79 4.28 -7.99
CA ILE B 258 14.81 4.05 -9.06
C ILE B 258 14.83 2.58 -9.48
N TRP B 259 16.02 2.03 -9.62
CA TRP B 259 16.23 0.68 -10.09
C TRP B 259 15.73 -0.32 -9.04
N TYR B 260 15.92 0.04 -7.78
CA TYR B 260 15.40 -0.75 -6.66
C TYR B 260 13.87 -0.80 -6.74
N GLU B 261 13.25 0.35 -7.02
CA GLU B 261 11.80 0.41 -7.18
C GLU B 261 11.29 -0.46 -8.34
N ILE B 262 11.98 -0.38 -9.49
CA ILE B 262 11.62 -1.17 -10.67
C ILE B 262 11.90 -2.67 -10.48
N LYS B 263 12.91 -3.00 -9.69
CA LYS B 263 13.15 -4.40 -9.39
C LYS B 263 12.00 -5.00 -8.60
N LYS B 264 11.44 -4.21 -7.66
CA LYS B 264 10.31 -4.67 -6.87
C LYS B 264 9.09 -4.93 -7.73
N ILE B 265 8.81 -3.99 -8.63
CA ILE B 265 7.69 -4.11 -9.56
C ILE B 265 7.86 -5.34 -10.44
N ASN B 266 9.01 -5.46 -11.09
CA ASN B 266 9.32 -6.62 -11.93
C ASN B 266 9.16 -7.97 -11.22
N ALA B 267 9.45 -8.00 -9.92
CA ALA B 267 9.46 -9.26 -9.18
C ALA B 267 8.09 -9.95 -9.15
N ASN B 268 7.04 -9.17 -9.38
CA ASN B 268 5.66 -9.67 -9.37
C ASN B 268 5.28 -10.45 -10.61
N PHE B 269 6.07 -10.34 -11.67
CA PHE B 269 5.76 -11.03 -12.89
C PHE B 269 6.55 -12.32 -13.01
N THR B 270 5.82 -13.41 -13.19
CA THR B 270 6.40 -14.74 -13.21
C THR B 270 7.56 -14.88 -14.19
N ASN B 271 7.35 -14.50 -15.45
CA ASN B 271 8.28 -14.89 -16.52
C ASN B 271 9.03 -13.80 -17.26
N LEU B 272 9.23 -12.66 -16.60
CA LEU B 272 10.07 -11.60 -17.15
C LEU B 272 11.49 -12.06 -17.24
N ASP B 273 12.17 -11.65 -18.32
CA ASP B 273 13.62 -11.76 -18.39
C ASP B 273 14.11 -10.35 -18.63
N VAL B 274 14.71 -9.75 -17.62
CA VAL B 274 15.19 -8.37 -17.70
C VAL B 274 16.71 -8.35 -17.66
N LYS B 275 17.33 -7.80 -18.71
CA LYS B 275 18.77 -7.55 -18.70
C LYS B 275 19.03 -6.05 -18.62
N GLU B 276 19.97 -5.66 -17.77
CA GLU B 276 20.36 -4.24 -17.60
C GLU B 276 21.57 -3.83 -18.42
N PHE B 277 21.49 -2.64 -19.02
CA PHE B 277 22.52 -2.16 -19.92
C PHE B 277 23.06 -0.76 -19.61
N ILE B 278 24.31 -0.55 -20.00
CA ILE B 278 25.01 0.73 -19.94
C ILE B 278 25.42 1.08 -21.36
N PRO B 279 25.26 2.36 -21.75
CA PRO B 279 25.81 2.77 -23.04
C PRO B 279 27.34 2.83 -23.01
N LEU B 280 27.97 2.33 -24.07
CA LEU B 280 29.39 2.49 -24.28
C LEU B 280 29.69 3.96 -24.48
N PRO B 281 30.78 4.46 -23.85
CA PRO B 281 31.17 5.87 -23.99
C PRO B 281 31.51 6.20 -25.43
N GLY B 282 30.85 7.22 -25.97
CA GLY B 282 31.11 7.64 -27.34
C GLY B 282 30.28 6.88 -28.35
N HIS B 283 29.50 5.92 -27.88
CA HIS B 283 28.66 5.09 -28.76
C HIS B 283 27.27 4.86 -28.16
N PRO B 284 26.44 5.92 -28.19
CA PRO B 284 25.13 5.90 -27.50
C PRO B 284 24.24 4.75 -27.92
N ASP B 285 24.47 4.20 -29.11
CA ASP B 285 23.61 3.12 -29.63
C ASP B 285 24.20 1.74 -29.41
N GLU B 286 25.42 1.69 -28.89
CA GLU B 286 26.08 0.44 -28.56
C GLU B 286 26.07 0.19 -27.05
N LEU B 287 25.37 -0.86 -26.65
CA LEU B 287 25.16 -1.15 -25.23
C LEU B 287 26.04 -2.29 -24.72
N VAL B 288 26.36 -2.23 -23.43
CA VAL B 288 27.01 -3.34 -22.76
C VAL B 288 26.22 -3.76 -21.52
N GLU B 289 26.07 -5.07 -21.38
CA GLU B 289 25.38 -5.67 -20.24
C GLU B 289 26.12 -5.36 -18.95
N TYR B 290 25.37 -4.86 -17.96
CA TYR B 290 25.96 -4.48 -16.70
C TYR B 290 26.58 -5.67 -15.94
N LYS B 291 25.89 -6.80 -15.96
CA LYS B 291 26.40 -8.01 -15.32
C LYS B 291 27.62 -8.60 -16.07
N GLU B 292 27.79 -8.26 -17.35
CA GLU B 292 29.03 -8.55 -18.09
C GLU B 292 30.24 -7.90 -17.42
N LEU B 293 30.12 -6.62 -17.11
CA LEU B 293 31.23 -5.89 -16.56
C LEU B 293 31.60 -6.37 -15.14
N LEU B 294 30.58 -6.68 -14.33
CA LEU B 294 30.81 -7.25 -13.01
C LEU B 294 31.55 -8.56 -13.14
N GLY B 295 31.07 -9.41 -14.05
CA GLY B 295 31.75 -10.65 -14.36
C GLY B 295 33.21 -10.43 -14.73
N LEU B 296 33.45 -9.54 -15.70
CA LEU B 296 34.80 -9.19 -16.15
C LEU B 296 35.67 -8.75 -14.99
N GLU B 297 35.08 -7.93 -14.12
CA GLU B 297 35.80 -7.50 -12.93
C GLU B 297 36.12 -8.70 -12.05
N LYS B 298 35.08 -9.42 -11.60
CA LYS B 298 35.26 -10.60 -10.73
C LYS B 298 36.39 -11.50 -11.22
N MET B 299 36.59 -11.58 -12.53
CA MET B 299 37.67 -12.42 -13.06
C MET B 299 38.98 -11.67 -13.35
N GLY B 300 39.05 -10.40 -12.94
CA GLY B 300 40.29 -9.65 -12.97
C GLY B 300 40.71 -9.17 -14.34
N ARG B 301 39.73 -8.74 -15.13
CA ARG B 301 39.99 -8.12 -16.43
C ARG B 301 39.60 -6.65 -16.32
N ASP B 302 40.45 -5.76 -16.81
CA ASP B 302 40.04 -4.35 -16.89
C ASP B 302 39.61 -3.88 -18.27
N GLU B 303 39.76 -4.76 -19.27
CA GLU B 303 39.37 -4.45 -20.63
C GLU B 303 38.02 -5.07 -20.96
N TYR B 304 37.11 -4.26 -21.49
CA TYR B 304 35.98 -4.79 -22.24
C TYR B 304 36.29 -4.63 -23.72
N VAL B 305 36.33 -5.74 -24.45
CA VAL B 305 36.69 -5.67 -25.87
C VAL B 305 35.45 -5.74 -26.72
N SER B 306 35.33 -4.82 -27.67
CA SER B 306 34.18 -4.79 -28.58
C SER B 306 34.63 -5.15 -29.99
N GLY B 307 34.29 -6.35 -30.42
CA GLY B 307 34.71 -6.81 -31.74
C GLY B 307 34.00 -6.02 -32.81
N LYS B 308 32.69 -5.86 -32.62
CA LYS B 308 31.81 -5.13 -33.52
C LYS B 308 32.35 -3.74 -33.82
N LEU B 309 32.94 -3.08 -32.81
CA LEU B 309 33.48 -1.72 -32.95
C LEU B 309 34.98 -1.65 -33.19
N GLU B 310 35.65 -2.78 -32.96
CA GLU B 310 37.11 -2.85 -32.93
C GLU B 310 37.74 -1.80 -31.99
N LYS B 311 37.06 -1.54 -30.86
CA LYS B 311 37.52 -0.61 -29.83
C LYS B 311 37.57 -1.30 -28.47
N VAL B 312 38.45 -0.81 -27.59
CA VAL B 312 38.61 -1.38 -26.24
C VAL B 312 38.13 -0.35 -25.21
N PHE B 313 37.46 -0.84 -24.17
CA PHE B 313 36.89 0.04 -23.15
C PHE B 313 37.33 -0.37 -21.77
N SER B 314 37.37 0.58 -20.83
CA SER B 314 37.80 0.30 -19.47
C SER B 314 36.65 -0.19 -18.62
N VAL B 315 36.81 -1.41 -18.08
CA VAL B 315 35.79 -2.04 -17.24
C VAL B 315 35.48 -1.19 -16.00
N SER B 316 36.52 -0.80 -15.27
CA SER B 316 36.37 -0.07 -14.02
C SER B 316 35.77 1.33 -14.23
N LYS B 317 36.31 2.08 -15.18
CA LYS B 317 35.76 3.40 -15.50
C LYS B 317 34.24 3.35 -15.77
N MET B 318 33.78 2.33 -16.49
CA MET B 318 32.34 2.22 -16.77
C MET B 318 31.49 1.78 -15.57
N LEU B 319 31.98 0.82 -14.82
CA LEU B 319 31.35 0.43 -13.57
C LEU B 319 31.25 1.61 -12.60
N ASP B 320 32.29 2.43 -12.52
CA ASP B 320 32.34 3.58 -11.59
C ASP B 320 31.32 4.67 -11.87
N SER B 321 30.91 4.75 -13.14
CA SER B 321 29.94 5.75 -13.59
C SER B 321 28.55 5.45 -13.06
N VAL B 322 28.37 4.25 -12.50
CA VAL B 322 27.07 3.75 -12.12
C VAL B 322 27.02 3.33 -10.66
N ILE B 323 28.13 2.81 -10.15
CA ILE B 323 28.21 2.27 -8.81
C ILE B 323 29.65 2.35 -8.28
N SER B 324 29.80 2.78 -7.03
CA SER B 324 31.14 2.87 -6.38
C SER B 324 31.81 1.50 -6.20
N LYS B 325 33.05 1.50 -5.68
CA LYS B 325 33.74 0.24 -5.42
C LYS B 325 33.12 -0.54 -4.22
N GLU B 326 32.51 -1.68 -4.56
CA GLU B 326 31.94 -2.65 -3.60
C GLU B 326 32.68 -4.00 -3.68
#